data_5HHG
#
_entry.id   5HHG
#
_cell.length_a   79.250
_cell.length_b   88.960
_cell.length_c   100.390
_cell.angle_alpha   90.00
_cell.angle_beta   90.00
_cell.angle_gamma   90.00
#
_symmetry.space_group_name_H-M   'P 21 21 21'
#
loop_
_entity.id
_entity.type
_entity.pdbx_description
1 polymer 'RNA-directed RNA polymerase NS5'
2 polymer 'Importin subunit alpha-1'
3 water water
#
loop_
_entity_poly.entity_id
_entity_poly.type
_entity_poly.pdbx_seq_one_letter_code
_entity_poly.pdbx_strand_id
1 'polypeptide(L)' TAINQVRSLIGNEEYTDYMPSMKRFRREEEEAGVLW C
2 'polypeptide(L)'
;QGTVNWSVEDIVKGINSNNLESQLQATQAARKLLSREKQPPIDNIIRAGLIPKFVSFLGKTDCSPIQFESAWALTNIASG
TSEQTKAVVDGGAIPAFISLLASPHAHISEQAVWALGNIAGDGSAFRDLVIKHGAIDPLLALLAVPDLSTLACGYLRNLT
WTLSNLCRNKNPAPPLDAVEQILPTLVRLLHHNDPEVLADSCWAISYLTDGPNERIEMVVKKGVVPQLVKLLGATELPIV
TPALRAIGNIVTGTDEQTQKVIDAGALAVFPSLLTNPKTNIQKEATWTMSNITAGRQDQIQQVVNHGLVPFLVGVLSKAD
FKTQKEAAWAITNYTSGGTVEQIVYLVHCGIIEPLMNLLSAKDTKIIQVILDAISNIFQAAEKLGETEKLSIMIEECGGL
DKIEALQRHENESVYKASLNLIEKYFS
;
E
#
# COMPACT_ATOMS: atom_id res chain seq x y z
N ASP A 17 7.35 4.35 1.85
CA ASP A 17 7.37 5.51 0.98
C ASP A 17 6.30 6.52 1.38
N TYR A 18 5.11 6.38 0.80
CA TYR A 18 3.98 7.25 1.13
C TYR A 18 2.97 6.48 1.98
N MET A 19 3.25 5.20 2.19
CA MET A 19 2.44 4.33 3.02
C MET A 19 2.53 4.75 4.48
N PRO A 20 1.58 4.31 5.32
CA PRO A 20 1.75 4.56 6.76
C PRO A 20 3.00 3.87 7.26
N SER A 21 3.63 4.43 8.27
CA SER A 21 4.79 3.79 8.87
C SER A 21 4.34 2.49 9.51
N MET A 22 5.24 1.51 9.56
CA MET A 22 4.96 0.23 10.17
C MET A 22 4.89 0.36 11.69
N LYS A 23 5.73 1.24 12.22
CA LYS A 23 5.80 1.50 13.64
C LYS A 23 5.82 3.01 13.89
N ARG A 24 5.26 3.44 15.01
CA ARG A 24 5.19 4.86 15.31
C ARG A 24 5.75 5.18 16.70
N PHE A 25 6.60 6.20 16.72
CA PHE A 25 7.28 6.67 17.91
C PHE A 25 6.46 7.81 18.51
N ARG A 26 6.17 7.76 19.80
CA ARG A 26 5.43 8.86 20.43
C ARG A 26 6.39 9.87 21.06
N ARG A 27 6.54 11.01 20.40
CA ARG A 27 7.53 12.01 20.77
C ARG A 27 7.08 12.93 21.90
N GLU A 28 8.04 13.67 22.44
CA GLU A 28 7.79 14.67 23.48
C GLU A 28 6.70 15.66 23.06
N GLU A 29 5.81 15.95 23.99
CA GLU A 29 4.67 16.82 23.71
C GLU A 29 4.92 18.25 24.16
N GLN B 1 8.23 19.72 36.74
CA GLN B 1 8.48 18.28 36.85
C GLN B 1 9.95 17.97 37.10
N GLY B 2 10.20 17.06 38.06
CA GLY B 2 11.55 16.65 38.38
C GLY B 2 11.92 15.32 37.79
N THR B 3 11.35 15.01 36.63
CA THR B 3 11.59 13.74 35.96
C THR B 3 12.30 13.93 34.62
N VAL B 4 12.91 15.09 34.43
CA VAL B 4 13.58 15.42 33.18
C VAL B 4 15.06 15.05 33.21
N ASN B 5 15.51 14.33 32.18
CA ASN B 5 16.92 13.97 31.98
C ASN B 5 17.55 13.12 33.08
N TRP B 6 16.84 12.12 33.59
CA TRP B 6 17.45 11.18 34.52
C TRP B 6 18.48 10.33 33.79
N SER B 7 19.47 9.85 34.54
CA SER B 7 20.36 8.82 34.03
C SER B 7 19.63 7.48 34.11
N VAL B 8 20.12 6.50 33.35
CA VAL B 8 19.50 5.17 33.38
C VAL B 8 19.68 4.55 34.76
N GLU B 9 20.83 4.80 35.37
CA GLU B 9 21.14 4.32 36.71
C GLU B 9 20.12 4.80 37.75
N ASP B 10 19.80 6.10 37.70
CA ASP B 10 18.79 6.68 38.59
C ASP B 10 17.42 6.05 38.35
N ILE B 11 17.08 5.84 37.09
CA ILE B 11 15.81 5.22 36.73
C ILE B 11 15.70 3.81 37.32
N VAL B 12 16.78 3.04 37.18
CA VAL B 12 16.84 1.70 37.74
C VAL B 12 16.70 1.73 39.26
N LYS B 13 17.40 2.68 39.88
CA LYS B 13 17.30 2.88 41.33
C LYS B 13 15.85 3.09 41.76
N GLY B 14 15.16 3.99 41.05
CA GLY B 14 13.78 4.31 41.39
C GLY B 14 12.82 3.17 41.17
N ILE B 15 13.00 2.43 40.08
CA ILE B 15 12.10 1.35 39.73
C ILE B 15 12.28 0.17 40.69
N ASN B 16 13.49 -0.02 41.20
CA ASN B 16 13.76 -1.06 42.20
C ASN B 16 13.50 -0.70 43.68
N SER B 17 12.86 0.46 43.95
CA SER B 17 12.90 1.17 45.25
C SER B 17 11.99 0.73 46.44
N ASN B 18 11.18 -0.31 46.23
CA ASN B 18 9.97 -0.68 46.97
C ASN B 18 9.05 0.47 47.31
N ASN B 19 8.81 1.40 46.40
CA ASN B 19 7.88 2.48 46.67
C ASN B 19 7.17 2.77 45.37
N LEU B 20 5.88 2.47 45.33
CA LEU B 20 5.09 2.63 44.11
C LEU B 20 5.23 4.03 43.53
N GLU B 21 5.21 5.06 44.38
CA GLU B 21 5.36 6.44 43.91
C GLU B 21 6.74 6.70 43.33
N SER B 22 7.78 6.19 44.00
CA SER B 22 9.14 6.28 43.47
C SER B 22 9.22 5.55 42.14
N GLN B 23 8.60 4.38 42.06
CA GLN B 23 8.58 3.62 40.81
C GLN B 23 7.88 4.42 39.72
N LEU B 24 6.82 5.14 40.10
CA LEU B 24 6.07 5.95 39.15
C LEU B 24 6.92 7.09 38.60
N GLN B 25 7.60 7.80 39.49
CA GLN B 25 8.43 8.92 39.06
C GLN B 25 9.57 8.43 38.17
N ALA B 26 10.15 7.29 38.54
CA ALA B 26 11.23 6.70 37.75
C ALA B 26 10.73 6.24 36.38
N THR B 27 9.51 5.71 36.33
CA THR B 27 8.93 5.24 35.08
C THR B 27 8.64 6.42 34.17
N GLN B 28 8.13 7.51 34.74
CA GLN B 28 7.91 8.72 33.95
C GLN B 28 9.21 9.27 33.41
N ALA B 29 10.26 9.26 34.24
CA ALA B 29 11.57 9.71 33.78
C ALA B 29 12.04 8.83 32.63
N ALA B 30 11.79 7.52 32.74
CA ALA B 30 12.11 6.60 31.66
C ALA B 30 11.35 6.98 30.39
N ARG B 31 10.07 7.28 30.54
CA ARG B 31 9.23 7.66 29.41
C ARG B 31 9.79 8.89 28.72
N LYS B 32 10.21 9.87 29.50
CA LYS B 32 10.72 11.12 28.94
C LYS B 32 12.06 10.89 28.24
N LEU B 33 12.91 10.04 28.81
CA LEU B 33 14.12 9.62 28.11
C LEU B 33 13.80 8.95 26.77
N LEU B 34 12.84 8.04 26.79
CA LEU B 34 12.53 7.21 25.64
C LEU B 34 11.71 7.95 24.60
N SER B 35 11.32 9.17 24.90
CA SER B 35 10.52 9.93 23.94
C SER B 35 11.27 11.14 23.38
N ARG B 36 12.57 11.24 23.65
CA ARG B 36 13.35 12.32 23.04
C ARG B 36 13.67 11.96 21.58
N GLU B 37 13.67 12.98 20.73
CA GLU B 37 13.82 12.75 19.30
C GLU B 37 15.24 12.30 18.93
N LYS B 38 16.23 12.82 19.66
CA LYS B 38 17.62 12.51 19.36
C LYS B 38 18.11 11.27 20.10
N GLN B 39 18.24 10.17 19.35
CA GLN B 39 18.82 8.92 19.83
C GLN B 39 18.33 8.50 21.22
N PRO B 40 17.04 8.15 21.34
CA PRO B 40 16.55 7.66 22.64
C PRO B 40 17.25 6.38 23.03
N PRO B 41 17.68 6.28 24.30
CA PRO B 41 18.50 5.15 24.77
C PRO B 41 17.70 3.87 24.95
N ILE B 42 17.05 3.41 23.89
CA ILE B 42 16.27 2.18 23.94
C ILE B 42 17.10 0.97 24.37
N ASP B 43 18.27 0.79 23.76
CA ASP B 43 19.07 -0.39 24.05
C ASP B 43 19.61 -0.37 25.48
N ASN B 44 19.97 0.80 25.98
CA ASN B 44 20.41 0.93 27.37
C ASN B 44 19.28 0.56 28.34
N ILE B 45 18.08 1.04 28.05
CA ILE B 45 16.91 0.71 28.86
C ILE B 45 16.65 -0.79 28.86
N ILE B 46 16.75 -1.41 27.68
CA ILE B 46 16.56 -2.87 27.59
C ILE B 46 17.63 -3.60 28.39
N ARG B 47 18.89 -3.23 28.19
CA ARG B 47 20.02 -3.86 28.87
C ARG B 47 19.91 -3.75 30.39
N ALA B 48 19.25 -2.70 30.87
CA ALA B 48 19.10 -2.51 32.32
C ALA B 48 18.02 -3.43 32.90
N GLY B 49 17.40 -4.23 32.04
CA GLY B 49 16.39 -5.18 32.49
C GLY B 49 15.05 -4.58 32.88
N LEU B 50 14.73 -3.40 32.34
CA LEU B 50 13.55 -2.67 32.80
C LEU B 50 12.23 -3.17 32.21
N ILE B 51 12.28 -3.82 31.05
CA ILE B 51 11.04 -4.21 30.35
C ILE B 51 10.07 -5.05 31.20
N PRO B 52 10.57 -6.11 31.88
CA PRO B 52 9.64 -6.88 32.72
C PRO B 52 8.95 -6.04 33.80
N LYS B 53 9.66 -5.05 34.32
CA LYS B 53 9.09 -4.14 35.31
C LYS B 53 7.99 -3.30 34.70
N PHE B 54 8.26 -2.70 33.53
CA PHE B 54 7.24 -1.93 32.80
C PHE B 54 5.99 -2.77 32.59
N VAL B 55 6.20 -3.99 32.09
CA VAL B 55 5.10 -4.90 31.80
C VAL B 55 4.31 -5.19 33.07
N SER B 56 5.01 -5.45 34.16
CA SER B 56 4.34 -5.67 35.44
C SER B 56 3.54 -4.43 35.87
N PHE B 57 4.06 -3.24 35.56
CA PHE B 57 3.36 -1.99 35.88
C PHE B 57 2.10 -1.82 35.06
N LEU B 58 2.05 -2.44 33.89
CA LEU B 58 0.84 -2.37 33.07
C LEU B 58 -0.39 -2.94 33.79
N GLY B 59 -0.15 -3.85 34.73
CA GLY B 59 -1.23 -4.53 35.43
C GLY B 59 -1.66 -3.87 36.73
N LYS B 60 -1.06 -2.74 37.06
CA LYS B 60 -1.40 -2.06 38.31
C LYS B 60 -2.65 -1.19 38.15
N THR B 61 -3.81 -1.84 38.22
CA THR B 61 -5.10 -1.18 38.05
C THR B 61 -5.31 -0.08 39.08
N ASP B 62 -4.68 -0.26 40.25
CA ASP B 62 -4.78 0.68 41.35
C ASP B 62 -3.96 1.96 41.12
N CYS B 63 -3.08 1.95 40.12
CA CYS B 63 -2.26 3.12 39.83
C CYS B 63 -2.22 3.40 38.33
N SER B 64 -3.31 3.97 37.81
CA SER B 64 -3.41 4.26 36.38
C SER B 64 -2.25 5.11 35.81
N PRO B 65 -1.72 6.09 36.58
CA PRO B 65 -0.59 6.82 35.98
C PRO B 65 0.63 5.95 35.63
N ILE B 66 0.94 4.94 36.44
CA ILE B 66 2.11 4.12 36.13
C ILE B 66 1.79 3.16 34.98
N GLN B 67 0.52 2.79 34.86
CA GLN B 67 0.06 2.05 33.69
C GLN B 67 0.34 2.86 32.44
N PHE B 68 -0.05 4.14 32.48
CA PHE B 68 0.13 5.03 31.34
C PHE B 68 1.60 5.27 30.98
N GLU B 69 2.40 5.59 31.99
CA GLU B 69 3.82 5.86 31.76
C GLU B 69 4.53 4.62 31.23
N SER B 70 4.23 3.45 31.80
CA SER B 70 4.90 2.24 31.36
C SER B 70 4.43 1.86 29.95
N ALA B 71 3.14 2.11 29.67
CA ALA B 71 2.59 1.87 28.34
C ALA B 71 3.32 2.71 27.29
N TRP B 72 3.55 3.98 27.62
CA TRP B 72 4.23 4.88 26.69
C TRP B 72 5.70 4.45 26.48
N ALA B 73 6.41 4.18 27.58
CA ALA B 73 7.79 3.70 27.51
C ALA B 73 7.91 2.45 26.62
N LEU B 74 7.06 1.47 26.87
CA LEU B 74 7.08 0.23 26.11
C LEU B 74 6.69 0.49 24.65
N THR B 75 5.77 1.42 24.43
CA THR B 75 5.36 1.78 23.07
C THR B 75 6.57 2.26 22.28
N ASN B 76 7.37 3.12 22.90
CA ASN B 76 8.50 3.67 22.19
C ASN B 76 9.61 2.65 22.02
N ILE B 77 9.78 1.75 22.98
CA ILE B 77 10.73 0.66 22.77
C ILE B 77 10.29 -0.22 21.59
N ALA B 78 8.99 -0.52 21.52
CA ALA B 78 8.45 -1.39 20.47
C ALA B 78 8.42 -0.72 19.09
N SER B 79 8.63 0.59 19.06
CA SER B 79 8.66 1.35 17.81
C SER B 79 10.00 1.19 17.10
N GLY B 80 10.97 0.58 17.77
CA GLY B 80 12.32 0.48 17.23
C GLY B 80 12.54 -0.67 16.28
N THR B 81 13.70 -1.32 16.41
CA THR B 81 14.04 -2.43 15.54
C THR B 81 13.21 -3.66 15.89
N SER B 82 13.24 -4.67 15.03
CA SER B 82 12.57 -5.94 15.29
C SER B 82 13.06 -6.55 16.59
N GLU B 83 14.35 -6.40 16.86
CA GLU B 83 14.94 -6.93 18.08
C GLU B 83 14.36 -6.24 19.33
N GLN B 84 14.14 -4.94 19.22
CA GLN B 84 13.61 -4.16 20.34
C GLN B 84 12.12 -4.49 20.56
N THR B 85 11.37 -4.59 19.46
CA THR B 85 9.99 -5.01 19.54
C THR B 85 9.89 -6.40 20.15
N LYS B 86 10.80 -7.28 19.74
CA LYS B 86 10.87 -8.63 20.25
C LYS B 86 11.16 -8.63 21.75
N ALA B 87 12.03 -7.73 22.20
CA ALA B 87 12.29 -7.63 23.64
C ALA B 87 11.00 -7.31 24.39
N VAL B 88 10.20 -6.41 23.80
CA VAL B 88 8.91 -6.08 24.40
C VAL B 88 7.95 -7.29 24.43
N VAL B 89 7.84 -7.99 23.32
CA VAL B 89 6.99 -9.19 23.26
C VAL B 89 7.45 -10.26 24.27
N ASP B 90 8.76 -10.47 24.31
CA ASP B 90 9.35 -11.46 25.19
C ASP B 90 9.12 -11.11 26.65
N GLY B 91 8.94 -9.82 26.94
CA GLY B 91 8.59 -9.43 28.30
C GLY B 91 7.16 -9.74 28.71
N GLY B 92 6.34 -10.26 27.79
CA GLY B 92 4.96 -10.58 28.11
C GLY B 92 3.97 -9.46 27.84
N ALA B 93 4.40 -8.45 27.09
CA ALA B 93 3.59 -7.25 26.87
C ALA B 93 2.25 -7.44 26.15
N ILE B 94 2.13 -8.46 25.30
CA ILE B 94 0.95 -8.55 24.44
C ILE B 94 -0.37 -8.76 25.22
N PRO B 95 -0.45 -9.79 26.09
CA PRO B 95 -1.71 -9.90 26.83
C PRO B 95 -1.93 -8.75 27.81
N ALA B 96 -0.86 -8.16 28.33
CA ALA B 96 -0.99 -7.03 29.24
C ALA B 96 -1.64 -5.83 28.54
N PHE B 97 -1.17 -5.54 27.32
CA PHE B 97 -1.73 -4.44 26.55
C PHE B 97 -3.17 -4.73 26.16
N ILE B 98 -3.42 -5.98 25.77
CA ILE B 98 -4.78 -6.35 25.40
C ILE B 98 -5.71 -6.16 26.59
N SER B 99 -5.24 -6.52 27.79
CA SER B 99 -6.01 -6.27 29.01
C SER B 99 -6.23 -4.78 29.22
N LEU B 100 -5.26 -3.97 28.84
CA LEU B 100 -5.39 -2.52 29.02
C LEU B 100 -6.38 -1.89 28.05
N LEU B 101 -6.71 -2.60 26.98
CA LEU B 101 -7.70 -2.07 26.04
C LEU B 101 -9.05 -1.77 26.72
N ALA B 102 -9.33 -2.47 27.81
CA ALA B 102 -10.61 -2.31 28.52
C ALA B 102 -10.58 -1.20 29.56
N SER B 103 -9.46 -0.50 29.67
CA SER B 103 -9.29 0.52 30.69
C SER B 103 -10.31 1.65 30.56
N PRO B 104 -10.84 2.13 31.70
CA PRO B 104 -11.77 3.25 31.72
C PRO B 104 -11.10 4.58 31.40
N HIS B 105 -9.77 4.61 31.40
CA HIS B 105 -9.04 5.82 31.03
C HIS B 105 -8.67 5.80 29.54
N ALA B 106 -9.23 6.76 28.80
CA ALA B 106 -9.08 6.79 27.35
C ALA B 106 -7.62 6.87 26.92
N HIS B 107 -6.83 7.68 27.61
CA HIS B 107 -5.41 7.85 27.26
C HIS B 107 -4.62 6.54 27.41
N ILE B 108 -5.02 5.72 28.37
CA ILE B 108 -4.35 4.46 28.63
C ILE B 108 -4.72 3.41 27.59
N SER B 109 -6.02 3.24 27.34
CA SER B 109 -6.46 2.32 26.29
C SER B 109 -5.87 2.74 24.94
N GLU B 110 -5.85 4.04 24.67
CA GLU B 110 -5.24 4.56 23.45
C GLU B 110 -3.77 4.17 23.36
N GLN B 111 -3.04 4.32 24.46
CA GLN B 111 -1.62 3.96 24.45
C GLN B 111 -1.45 2.45 24.20
N ALA B 112 -2.35 1.64 24.75
CA ALA B 112 -2.33 0.20 24.50
C ALA B 112 -2.58 -0.11 23.02
N VAL B 113 -3.54 0.60 22.43
CA VAL B 113 -3.85 0.46 21.01
C VAL B 113 -2.62 0.73 20.18
N TRP B 114 -1.96 1.84 20.50
CA TRP B 114 -0.74 2.25 19.82
C TRP B 114 0.35 1.17 19.92
N ALA B 115 0.59 0.69 21.15
CA ALA B 115 1.59 -0.35 21.37
C ALA B 115 1.33 -1.63 20.55
N LEU B 116 0.10 -2.10 20.59
CA LEU B 116 -0.28 -3.28 19.82
C LEU B 116 -0.09 -3.03 18.32
N GLY B 117 -0.36 -1.81 17.88
CA GLY B 117 -0.08 -1.42 16.50
C GLY B 117 1.40 -1.54 16.12
N ASN B 118 2.30 -1.10 17.01
CA ASN B 118 3.74 -1.26 16.77
C ASN B 118 4.20 -2.72 16.70
N ILE B 119 3.72 -3.49 17.68
CA ILE B 119 4.06 -4.91 17.75
C ILE B 119 3.56 -5.66 16.52
N ALA B 120 2.29 -5.47 16.17
CA ALA B 120 1.73 -6.09 14.98
C ALA B 120 2.45 -5.59 13.73
N GLY B 121 2.84 -4.32 13.75
CA GLY B 121 3.50 -3.68 12.63
C GLY B 121 4.89 -4.22 12.37
N ASP B 122 5.47 -4.93 13.34
CA ASP B 122 6.77 -5.56 13.08
C ASP B 122 6.76 -6.58 11.93
N GLY B 123 5.65 -7.28 11.72
CA GLY B 123 5.63 -8.30 10.69
C GLY B 123 4.58 -9.38 10.92
N SER B 124 4.51 -10.32 9.98
CA SER B 124 3.48 -11.36 9.97
C SER B 124 3.37 -12.17 11.27
N ALA B 125 4.51 -12.59 11.81
CA ALA B 125 4.50 -13.47 12.98
C ALA B 125 3.93 -12.75 14.21
N PHE B 126 4.44 -11.56 14.49
CA PHE B 126 3.94 -10.80 15.64
C PHE B 126 2.50 -10.33 15.41
N ARG B 127 2.15 -9.99 14.17
CA ARG B 127 0.78 -9.66 13.83
C ARG B 127 -0.17 -10.80 14.21
N ASP B 128 0.19 -11.99 13.75
CA ASP B 128 -0.62 -13.18 14.02
C ASP B 128 -0.61 -13.57 15.49
N LEU B 129 0.47 -13.24 16.20
CA LEU B 129 0.53 -13.55 17.62
C LEU B 129 -0.38 -12.62 18.41
N VAL B 130 -0.39 -11.35 18.02
CA VAL B 130 -1.31 -10.37 18.58
C VAL B 130 -2.74 -10.82 18.36
N ILE B 131 -3.02 -11.34 17.17
CA ILE B 131 -4.37 -11.85 16.89
C ILE B 131 -4.72 -13.09 17.73
N LYS B 132 -3.77 -14.01 17.88
CA LYS B 132 -4.00 -15.22 18.69
C LYS B 132 -4.28 -14.87 20.15
N HIS B 133 -3.65 -13.81 20.65
CA HIS B 133 -3.88 -13.38 22.04
C HIS B 133 -5.26 -12.73 22.19
N GLY B 134 -5.99 -12.57 21.09
CA GLY B 134 -7.36 -12.08 21.14
C GLY B 134 -7.54 -10.56 21.11
N ALA B 135 -6.67 -9.83 20.42
CA ALA B 135 -6.75 -8.36 20.41
C ALA B 135 -7.96 -7.80 19.63
N ILE B 136 -8.41 -8.53 18.62
CA ILE B 136 -9.36 -7.97 17.67
C ILE B 136 -10.72 -7.61 18.28
N ASP B 137 -11.31 -8.49 19.08
CA ASP B 137 -12.60 -8.20 19.72
C ASP B 137 -12.58 -6.92 20.58
N PRO B 138 -11.63 -6.81 21.55
CA PRO B 138 -11.65 -5.54 22.31
C PRO B 138 -11.31 -4.31 21.46
N LEU B 139 -10.41 -4.47 20.49
CA LEU B 139 -10.09 -3.34 19.60
C LEU B 139 -11.37 -2.86 18.89
N LEU B 140 -12.11 -3.79 18.31
CA LEU B 140 -13.33 -3.45 17.58
C LEU B 140 -14.38 -2.90 18.54
N ALA B 141 -14.42 -3.43 19.75
CA ALA B 141 -15.37 -2.99 20.76
C ALA B 141 -15.14 -1.53 21.11
N LEU B 142 -13.91 -1.05 20.97
CA LEU B 142 -13.67 0.39 21.19
C LEU B 142 -14.40 1.28 20.17
N LEU B 143 -14.79 0.72 19.03
CA LEU B 143 -15.47 1.50 18.00
C LEU B 143 -16.99 1.27 17.99
N ALA B 144 -17.47 0.56 19.01
CA ALA B 144 -18.89 0.22 19.08
C ALA B 144 -19.73 1.36 19.64
N VAL B 145 -19.80 2.45 18.87
CA VAL B 145 -20.61 3.60 19.22
C VAL B 145 -21.51 3.95 18.04
N PRO B 146 -22.65 4.60 18.30
CA PRO B 146 -23.58 4.94 17.21
C PRO B 146 -22.96 5.83 16.14
N ASP B 147 -22.16 6.80 16.57
CA ASP B 147 -21.55 7.75 15.65
C ASP B 147 -20.06 7.95 15.99
N LEU B 148 -19.19 7.64 15.03
CA LEU B 148 -17.74 7.70 15.23
C LEU B 148 -17.26 9.11 15.57
N SER B 149 -18.04 10.10 15.19
CA SER B 149 -17.68 11.50 15.40
C SER B 149 -17.62 11.90 16.87
N THR B 150 -18.24 11.10 17.74
CA THR B 150 -18.22 11.42 19.18
C THR B 150 -16.91 10.98 19.83
N LEU B 151 -16.13 10.16 19.12
CA LEU B 151 -14.81 9.77 19.61
C LEU B 151 -13.81 10.87 19.32
N ALA B 152 -12.81 11.01 20.19
CA ALA B 152 -11.71 11.94 19.95
C ALA B 152 -10.98 11.57 18.67
N CYS B 153 -10.65 12.57 17.87
CA CYS B 153 -10.03 12.38 16.58
C CYS B 153 -8.71 11.59 16.63
N GLY B 154 -7.82 11.95 17.54
CA GLY B 154 -6.54 11.28 17.68
C GLY B 154 -6.71 9.81 18.04
N TYR B 155 -7.61 9.55 18.98
CA TYR B 155 -8.00 8.21 19.40
C TYR B 155 -8.44 7.35 18.20
N LEU B 156 -9.35 7.91 17.41
CA LEU B 156 -9.89 7.22 16.24
C LEU B 156 -8.82 6.94 15.18
N ARG B 157 -7.95 7.91 14.96
CA ARG B 157 -6.85 7.72 14.02
C ARG B 157 -5.90 6.61 14.48
N ASN B 158 -5.59 6.58 15.77
CA ASN B 158 -4.72 5.54 16.32
C ASN B 158 -5.32 4.15 16.16
N LEU B 159 -6.58 4.01 16.54
CA LEU B 159 -7.31 2.75 16.33
C LEU B 159 -7.30 2.30 14.86
N THR B 160 -7.62 3.23 13.96
CA THR B 160 -7.66 2.91 12.54
C THR B 160 -6.29 2.42 12.07
N TRP B 161 -5.25 3.10 12.52
CA TRP B 161 -3.88 2.75 12.13
C TRP B 161 -3.51 1.34 12.62
N THR B 162 -3.82 1.04 13.87
CA THR B 162 -3.49 -0.27 14.43
C THR B 162 -4.25 -1.38 13.70
N LEU B 163 -5.54 -1.15 13.40
CA LEU B 163 -6.31 -2.12 12.61
C LEU B 163 -5.69 -2.34 11.23
N SER B 164 -5.22 -1.24 10.64
CA SER B 164 -4.59 -1.34 9.33
C SER B 164 -3.35 -2.21 9.44
N ASN B 165 -2.61 -2.10 10.55
CA ASN B 165 -1.46 -2.97 10.76
C ASN B 165 -1.85 -4.43 10.97
N LEU B 166 -3.04 -4.67 11.50
CA LEU B 166 -3.52 -6.05 11.61
C LEU B 166 -3.90 -6.61 10.24
N CYS B 167 -4.15 -5.72 9.27
CA CYS B 167 -4.40 -6.15 7.90
C CYS B 167 -3.16 -6.24 7.02
N ARG B 168 -2.01 -5.77 7.53
CA ARG B 168 -0.82 -5.58 6.72
C ARG B 168 0.07 -6.84 6.64
N ASN B 169 0.92 -6.89 5.61
CA ASN B 169 1.98 -7.88 5.40
C ASN B 169 1.50 -9.22 4.85
N LYS B 170 2.42 -9.94 4.23
CA LYS B 170 2.10 -11.17 3.53
C LYS B 170 3.10 -12.26 3.90
N ASN B 171 2.93 -13.43 3.31
CA ASN B 171 3.76 -14.60 3.59
C ASN B 171 3.92 -14.88 5.09
N PRO B 172 2.81 -15.21 5.78
CA PRO B 172 1.46 -15.31 5.23
C PRO B 172 0.68 -14.00 5.37
N ALA B 173 -0.39 -13.86 4.58
CA ALA B 173 -1.36 -12.79 4.78
C ALA B 173 -2.12 -13.07 6.08
N PRO B 174 -2.88 -12.09 6.62
CA PRO B 174 -3.59 -12.36 7.87
C PRO B 174 -4.56 -13.53 7.75
N PRO B 175 -4.87 -14.18 8.89
CA PRO B 175 -5.86 -15.28 8.89
C PRO B 175 -7.18 -14.80 8.31
N LEU B 176 -7.79 -15.65 7.48
CA LEU B 176 -9.04 -15.31 6.79
C LEU B 176 -10.16 -14.87 7.73
N ASP B 177 -10.33 -15.60 8.84
CA ASP B 177 -11.37 -15.25 9.81
C ASP B 177 -11.08 -13.91 10.50
N ALA B 178 -9.81 -13.59 10.70
CA ALA B 178 -9.45 -12.30 11.28
C ALA B 178 -9.85 -11.18 10.32
N VAL B 179 -9.56 -11.39 9.03
CA VAL B 179 -9.92 -10.42 8.00
C VAL B 179 -11.43 -10.23 7.97
N GLU B 180 -12.17 -11.34 7.95
CA GLU B 180 -13.64 -11.26 7.93
C GLU B 180 -14.16 -10.53 9.16
N GLN B 181 -13.52 -10.74 10.30
CA GLN B 181 -13.94 -10.08 11.53
C GLN B 181 -13.67 -8.58 11.50
N ILE B 182 -12.58 -8.18 10.86
CA ILE B 182 -12.19 -6.76 10.83
C ILE B 182 -12.95 -5.96 9.77
N LEU B 183 -13.24 -6.60 8.62
CA LEU B 183 -13.73 -5.88 7.44
C LEU B 183 -14.93 -4.91 7.63
N PRO B 184 -16.00 -5.32 8.34
CA PRO B 184 -17.14 -4.39 8.48
C PRO B 184 -16.78 -3.05 9.17
N THR B 185 -15.89 -3.13 10.13
CA THR B 185 -15.44 -1.93 10.83
C THR B 185 -14.64 -1.08 9.87
N LEU B 186 -13.83 -1.74 9.04
CA LEU B 186 -13.07 -1.05 8.00
C LEU B 186 -13.99 -0.32 7.03
N VAL B 187 -15.09 -0.96 6.64
CA VAL B 187 -16.05 -0.33 5.73
C VAL B 187 -16.62 0.95 6.38
N ARG B 188 -17.01 0.82 7.64
CA ARG B 188 -17.52 1.97 8.38
C ARG B 188 -16.50 3.11 8.50
N LEU B 189 -15.24 2.77 8.74
CA LEU B 189 -14.17 3.77 8.86
C LEU B 189 -13.93 4.41 7.51
N LEU B 190 -14.14 3.63 6.47
CA LEU B 190 -13.98 4.08 5.10
C LEU B 190 -15.04 5.10 4.75
N HIS B 191 -16.10 5.16 5.55
CA HIS B 191 -17.04 6.27 5.36
C HIS B 191 -16.92 7.41 6.39
N HIS B 192 -15.86 7.43 7.19
CA HIS B 192 -15.68 8.48 8.19
C HIS B 192 -15.05 9.75 7.60
N ASN B 193 -15.48 10.92 8.09
CA ASN B 193 -15.13 12.20 7.45
C ASN B 193 -13.72 12.75 7.69
N ASP B 194 -12.85 11.98 8.34
CA ASP B 194 -11.49 12.45 8.63
C ASP B 194 -10.46 11.94 7.61
N PRO B 195 -9.64 12.86 7.07
CA PRO B 195 -8.70 12.49 6.00
C PRO B 195 -7.70 11.41 6.40
N GLU B 196 -7.24 11.42 7.65
CA GLU B 196 -6.27 10.43 8.08
C GLU B 196 -6.93 9.06 8.31
N VAL B 197 -8.13 9.07 8.90
CA VAL B 197 -8.90 7.84 9.06
C VAL B 197 -9.18 7.23 7.70
N LEU B 198 -9.58 8.07 6.74
CA LEU B 198 -9.83 7.63 5.37
C LEU B 198 -8.57 7.06 4.74
N ALA B 199 -7.47 7.79 4.86
CA ALA B 199 -6.20 7.32 4.31
C ALA B 199 -5.86 5.94 4.83
N ASP B 200 -5.88 5.78 6.15
CA ASP B 200 -5.46 4.52 6.77
C ASP B 200 -6.42 3.36 6.48
N SER B 201 -7.72 3.66 6.46
CA SER B 201 -8.74 2.69 6.06
C SER B 201 -8.46 2.18 4.65
N CYS B 202 -8.20 3.13 3.75
CA CYS B 202 -7.84 2.81 2.38
C CYS B 202 -6.59 1.95 2.29
N TRP B 203 -5.58 2.30 3.08
CA TRP B 203 -4.35 1.50 3.09
C TRP B 203 -4.65 0.07 3.53
N ALA B 204 -5.47 -0.07 4.57
CA ALA B 204 -5.88 -1.40 5.05
C ALA B 204 -6.54 -2.20 3.93
N ILE B 205 -7.50 -1.56 3.25
CA ILE B 205 -8.19 -2.19 2.12
C ILE B 205 -7.19 -2.60 1.04
N SER B 206 -6.20 -1.74 0.79
CA SER B 206 -5.20 -2.04 -0.21
C SER B 206 -4.34 -3.24 0.20
N TYR B 207 -4.04 -3.37 1.49
CA TYR B 207 -3.31 -4.53 1.97
C TYR B 207 -4.14 -5.78 1.70
N LEU B 208 -5.42 -5.72 2.04
CA LEU B 208 -6.29 -6.88 1.94
C LEU B 208 -6.53 -7.32 0.50
N THR B 209 -6.40 -6.38 -0.44
CA THR B 209 -6.65 -6.70 -1.85
C THR B 209 -5.35 -7.06 -2.55
N ASP B 210 -4.23 -6.99 -1.83
CA ASP B 210 -2.93 -7.35 -2.36
C ASP B 210 -2.68 -8.85 -2.19
N GLY B 211 -3.29 -9.66 -3.07
CA GLY B 211 -3.15 -11.11 -2.98
C GLY B 211 -4.03 -11.84 -3.98
N PRO B 212 -4.24 -13.15 -3.77
CA PRO B 212 -5.07 -14.00 -4.64
C PRO B 212 -6.50 -13.46 -4.81
N ASN B 213 -7.18 -13.90 -5.86
CA ASN B 213 -8.51 -13.37 -6.18
C ASN B 213 -9.57 -13.65 -5.11
N GLU B 214 -9.33 -14.66 -4.27
CA GLU B 214 -10.21 -14.96 -3.15
C GLU B 214 -10.14 -13.86 -2.09
N ARG B 215 -8.93 -13.40 -1.84
CA ARG B 215 -8.70 -12.28 -0.92
C ARG B 215 -9.41 -11.04 -1.44
N ILE B 216 -9.23 -10.76 -2.73
CA ILE B 216 -9.86 -9.62 -3.38
C ILE B 216 -11.37 -9.72 -3.25
N GLU B 217 -11.89 -10.93 -3.47
CA GLU B 217 -13.32 -11.19 -3.43
C GLU B 217 -13.92 -10.90 -2.05
N MET B 218 -13.20 -11.27 -0.98
CA MET B 218 -13.67 -10.94 0.37
C MET B 218 -13.97 -9.45 0.53
N VAL B 219 -13.13 -8.62 -0.06
CA VAL B 219 -13.27 -7.17 0.03
C VAL B 219 -14.37 -6.65 -0.89
N VAL B 220 -14.31 -7.07 -2.14
CA VAL B 220 -15.26 -6.63 -3.16
C VAL B 220 -16.69 -6.98 -2.75
N LYS B 221 -16.86 -8.14 -2.12
CA LYS B 221 -18.18 -8.58 -1.67
C LYS B 221 -18.79 -7.64 -0.62
N LYS B 222 -17.95 -6.89 0.08
CA LYS B 222 -18.47 -5.95 1.08
C LYS B 222 -19.00 -4.66 0.45
N GLY B 223 -18.90 -4.56 -0.87
CA GLY B 223 -19.50 -3.44 -1.61
C GLY B 223 -18.76 -2.12 -1.53
N VAL B 224 -17.45 -2.17 -1.29
CA VAL B 224 -16.68 -0.94 -1.05
C VAL B 224 -16.12 -0.28 -2.31
N VAL B 225 -16.22 -0.96 -3.45
CA VAL B 225 -15.60 -0.46 -4.68
C VAL B 225 -16.10 0.96 -5.05
N PRO B 226 -17.43 1.21 -5.03
CA PRO B 226 -17.88 2.58 -5.29
C PRO B 226 -17.27 3.63 -4.35
N GLN B 227 -17.16 3.31 -3.07
CA GLN B 227 -16.54 4.23 -2.12
C GLN B 227 -15.06 4.45 -2.45
N LEU B 228 -14.37 3.37 -2.83
CA LEU B 228 -12.98 3.48 -3.27
C LEU B 228 -12.82 4.40 -4.48
N VAL B 229 -13.76 4.32 -5.44
CA VAL B 229 -13.72 5.16 -6.63
C VAL B 229 -13.95 6.62 -6.26
N LYS B 230 -14.92 6.84 -5.37
CA LYS B 230 -15.17 8.17 -4.84
C LYS B 230 -13.90 8.75 -4.22
N LEU B 231 -13.26 7.96 -3.36
CA LEU B 231 -12.05 8.42 -2.67
C LEU B 231 -10.93 8.62 -3.69
N LEU B 232 -11.00 7.85 -4.76
CA LEU B 232 -10.05 7.96 -5.86
C LEU B 232 -10.14 9.37 -6.42
N GLY B 233 -11.34 9.93 -6.37
CA GLY B 233 -11.53 11.30 -6.82
C GLY B 233 -11.23 12.42 -5.83
N ALA B 234 -10.73 12.10 -4.64
CA ALA B 234 -10.50 13.12 -3.61
C ALA B 234 -9.38 14.10 -3.96
N THR B 235 -9.38 15.26 -3.31
CA THR B 235 -8.34 16.25 -3.57
C THR B 235 -7.07 15.93 -2.77
N GLU B 236 -7.25 15.33 -1.59
CA GLU B 236 -6.11 14.96 -0.75
C GLU B 236 -5.33 13.78 -1.35
N LEU B 237 -4.06 14.03 -1.67
CA LEU B 237 -3.16 12.99 -2.16
C LEU B 237 -2.97 11.79 -1.22
N PRO B 238 -2.90 12.03 0.11
CA PRO B 238 -2.79 10.87 1.02
C PRO B 238 -4.02 9.95 0.98
N ILE B 239 -5.11 10.43 0.41
CA ILE B 239 -6.31 9.61 0.25
C ILE B 239 -6.30 8.93 -1.12
N VAL B 240 -6.00 9.71 -2.15
CA VAL B 240 -5.96 9.18 -3.51
C VAL B 240 -4.98 8.03 -3.64
N THR B 241 -3.81 8.17 -3.03
CA THR B 241 -2.75 7.18 -3.21
C THR B 241 -3.16 5.74 -2.78
N PRO B 242 -3.65 5.56 -1.54
CA PRO B 242 -4.10 4.21 -1.21
C PRO B 242 -5.38 3.79 -1.94
N ALA B 243 -6.25 4.75 -2.25
CA ALA B 243 -7.46 4.43 -3.02
C ALA B 243 -7.08 3.80 -4.36
N LEU B 244 -6.13 4.44 -5.04
CA LEU B 244 -5.62 3.97 -6.33
C LEU B 244 -4.88 2.64 -6.22
N ARG B 245 -4.10 2.49 -5.16
CA ARG B 245 -3.45 1.19 -4.92
C ARG B 245 -4.48 0.07 -4.80
N ALA B 246 -5.52 0.30 -3.99
CA ALA B 246 -6.57 -0.68 -3.78
C ALA B 246 -7.27 -1.02 -5.10
N ILE B 247 -7.60 0.01 -5.88
CA ILE B 247 -8.25 -0.20 -7.17
C ILE B 247 -7.37 -1.01 -8.13
N GLY B 248 -6.08 -0.69 -8.19
CA GLY B 248 -5.14 -1.42 -9.03
C GLY B 248 -5.06 -2.90 -8.63
N ASN B 249 -4.98 -3.11 -7.32
CA ASN B 249 -4.97 -4.46 -6.76
C ASN B 249 -6.20 -5.22 -7.22
N ILE B 250 -7.36 -4.58 -7.08
CA ILE B 250 -8.61 -5.24 -7.43
C ILE B 250 -8.64 -5.60 -8.91
N VAL B 251 -8.13 -4.73 -9.78
CA VAL B 251 -8.16 -5.09 -11.21
C VAL B 251 -7.06 -6.07 -11.60
N THR B 252 -6.19 -6.45 -10.66
CA THR B 252 -5.38 -7.65 -10.92
C THR B 252 -6.20 -8.95 -10.82
N GLY B 253 -7.46 -8.82 -10.40
CA GLY B 253 -8.31 -9.98 -10.15
C GLY B 253 -8.96 -10.54 -11.40
N THR B 254 -10.19 -11.04 -11.24
CA THR B 254 -10.94 -11.63 -12.35
C THR B 254 -11.55 -10.57 -13.24
N ASP B 255 -12.09 -11.00 -14.37
CA ASP B 255 -12.79 -10.09 -15.28
C ASP B 255 -13.98 -9.47 -14.59
N GLU B 256 -14.66 -10.25 -13.75
CA GLU B 256 -15.84 -9.77 -13.05
C GLU B 256 -15.50 -8.70 -11.98
N GLN B 257 -14.41 -8.91 -11.25
CA GLN B 257 -13.96 -7.96 -10.22
C GLN B 257 -13.54 -6.63 -10.88
N THR B 258 -12.76 -6.76 -11.95
CA THR B 258 -12.35 -5.61 -12.77
C THR B 258 -13.57 -4.86 -13.28
N GLN B 259 -14.55 -5.62 -13.77
CA GLN B 259 -15.79 -5.04 -14.26
C GLN B 259 -16.50 -4.27 -13.17
N LYS B 260 -16.38 -4.74 -11.92
CA LYS B 260 -16.99 -4.00 -10.82
C LYS B 260 -16.29 -2.66 -10.64
N VAL B 261 -14.98 -2.65 -10.85
CA VAL B 261 -14.28 -1.36 -10.82
C VAL B 261 -14.78 -0.41 -11.93
N ILE B 262 -14.93 -0.93 -13.14
CA ILE B 262 -15.42 -0.10 -14.25
C ILE B 262 -16.85 0.41 -14.03
N ASP B 263 -17.75 -0.47 -13.58
CA ASP B 263 -19.16 -0.09 -13.34
C ASP B 263 -19.27 1.02 -12.29
N ALA B 264 -18.33 1.07 -11.35
CA ALA B 264 -18.40 2.07 -10.29
C ALA B 264 -17.97 3.45 -10.79
N GLY B 265 -17.51 3.51 -12.04
CA GLY B 265 -17.19 4.79 -12.68
C GLY B 265 -15.73 5.20 -12.59
N ALA B 266 -14.84 4.25 -12.37
CA ALA B 266 -13.43 4.56 -12.13
C ALA B 266 -12.74 5.25 -13.31
N LEU B 267 -13.06 4.79 -14.52
CA LEU B 267 -12.35 5.25 -15.71
C LEU B 267 -12.45 6.78 -15.88
N ALA B 268 -13.56 7.36 -15.43
CA ALA B 268 -13.79 8.80 -15.56
C ALA B 268 -12.75 9.63 -14.81
N VAL B 269 -12.02 9.00 -13.90
CA VAL B 269 -11.02 9.70 -13.10
C VAL B 269 -9.64 9.65 -13.77
N PHE B 270 -9.48 8.73 -14.72
CA PHE B 270 -8.13 8.51 -15.24
C PHE B 270 -7.55 9.59 -16.18
N PRO B 271 -8.38 10.46 -16.80
CA PRO B 271 -7.71 11.59 -17.45
C PRO B 271 -6.82 12.38 -16.49
N SER B 272 -7.30 12.64 -15.28
CA SER B 272 -6.51 13.36 -14.27
C SER B 272 -5.37 12.50 -13.72
N LEU B 273 -5.67 11.26 -13.37
CA LEU B 273 -4.68 10.37 -12.78
C LEU B 273 -3.50 10.15 -13.72
N LEU B 274 -3.80 9.98 -15.01
CA LEU B 274 -2.76 9.70 -15.99
C LEU B 274 -1.99 10.97 -16.35
N THR B 275 -2.44 12.13 -15.85
CA THR B 275 -1.65 13.35 -16.04
C THR B 275 -1.25 13.97 -14.70
N ASN B 276 -1.41 13.20 -13.63
CA ASN B 276 -1.17 13.72 -12.28
C ASN B 276 0.27 14.19 -12.09
N PRO B 277 0.45 15.37 -11.48
CA PRO B 277 1.80 15.90 -11.25
C PRO B 277 2.63 15.03 -10.30
N LYS B 278 1.99 14.16 -9.51
CA LYS B 278 2.74 13.24 -8.65
C LYS B 278 3.11 11.97 -9.41
N THR B 279 4.41 11.74 -9.55
CA THR B 279 4.96 10.65 -10.36
C THR B 279 4.41 9.26 -10.01
N ASN B 280 4.33 8.95 -8.72
CA ASN B 280 3.85 7.63 -8.32
C ASN B 280 2.36 7.44 -8.60
N ILE B 281 1.59 8.52 -8.54
CA ILE B 281 0.17 8.45 -8.91
C ILE B 281 0.02 8.08 -10.38
N GLN B 282 0.80 8.74 -11.23
CA GLN B 282 0.79 8.49 -12.67
C GLN B 282 1.21 7.05 -12.96
N LYS B 283 2.28 6.62 -12.29
CA LYS B 283 2.79 5.27 -12.47
C LYS B 283 1.75 4.23 -12.10
N GLU B 284 1.14 4.39 -10.93
CA GLU B 284 0.18 3.40 -10.46
C GLU B 284 -1.13 3.44 -11.26
N ALA B 285 -1.49 4.63 -11.74
CA ALA B 285 -2.65 4.76 -12.62
C ALA B 285 -2.41 3.99 -13.92
N THR B 286 -1.19 4.12 -14.46
CA THR B 286 -0.86 3.45 -15.70
C THR B 286 -0.77 1.92 -15.51
N TRP B 287 -0.24 1.50 -14.38
CA TRP B 287 -0.22 0.08 -14.00
C TRP B 287 -1.64 -0.47 -13.98
N THR B 288 -2.52 0.26 -13.31
CA THR B 288 -3.94 -0.06 -13.23
C THR B 288 -4.55 -0.22 -14.63
N MET B 289 -4.25 0.75 -15.51
CA MET B 289 -4.71 0.68 -16.90
C MET B 289 -4.18 -0.58 -17.60
N SER B 290 -2.93 -0.94 -17.32
CA SER B 290 -2.31 -2.09 -17.97
C SER B 290 -3.02 -3.38 -17.58
N ASN B 291 -3.51 -3.44 -16.34
CA ASN B 291 -4.28 -4.61 -15.95
C ASN B 291 -5.72 -4.56 -16.45
N ILE B 292 -6.23 -3.36 -16.72
CA ILE B 292 -7.56 -3.28 -17.32
C ILE B 292 -7.51 -3.62 -18.82
N THR B 293 -6.44 -3.23 -19.51
CA THR B 293 -6.34 -3.54 -20.93
C THR B 293 -5.97 -5.01 -21.16
N ALA B 294 -5.64 -5.72 -20.08
CA ALA B 294 -5.44 -7.17 -20.13
C ALA B 294 -6.77 -7.88 -20.00
N GLY B 295 -7.85 -7.12 -19.88
CA GLY B 295 -9.17 -7.68 -19.69
C GLY B 295 -9.87 -8.07 -20.97
N ARG B 296 -11.19 -8.15 -20.90
CA ARG B 296 -12.01 -8.57 -22.04
C ARG B 296 -12.10 -7.47 -23.09
N GLN B 297 -12.54 -7.84 -24.29
CA GLN B 297 -12.64 -6.88 -25.37
C GLN B 297 -13.68 -5.80 -25.10
N ASP B 298 -14.74 -6.14 -24.36
CA ASP B 298 -15.74 -5.12 -24.01
C ASP B 298 -15.17 -4.14 -22.96
N GLN B 299 -14.23 -4.62 -22.15
CA GLN B 299 -13.57 -3.76 -21.17
C GLN B 299 -12.58 -2.84 -21.86
N ILE B 300 -11.79 -3.41 -22.78
CA ILE B 300 -10.95 -2.61 -23.69
C ILE B 300 -11.79 -1.54 -24.40
N GLN B 301 -13.00 -1.92 -24.82
CA GLN B 301 -13.87 -0.99 -25.51
C GLN B 301 -14.30 0.13 -24.57
N GLN B 302 -14.47 -0.19 -23.29
CA GLN B 302 -14.84 0.87 -22.35
C GLN B 302 -13.66 1.82 -22.12
N VAL B 303 -12.45 1.29 -22.10
CA VAL B 303 -11.25 2.12 -22.08
C VAL B 303 -11.25 3.08 -23.29
N VAL B 304 -11.58 2.53 -24.46
CA VAL B 304 -11.68 3.32 -25.69
C VAL B 304 -12.74 4.43 -25.58
N ASN B 305 -13.94 4.07 -25.15
CA ASN B 305 -15.08 4.98 -25.08
C ASN B 305 -14.84 6.15 -24.13
N HIS B 306 -14.10 5.90 -23.07
CA HIS B 306 -13.80 6.94 -22.10
C HIS B 306 -12.67 7.86 -22.54
N GLY B 307 -12.18 7.66 -23.78
CA GLY B 307 -11.16 8.51 -24.35
C GLY B 307 -9.79 8.34 -23.72
N LEU B 308 -9.51 7.16 -23.20
CA LEU B 308 -8.30 6.95 -22.43
C LEU B 308 -7.10 6.55 -23.26
N VAL B 309 -7.33 6.08 -24.49
CA VAL B 309 -6.20 5.69 -25.34
C VAL B 309 -5.26 6.89 -25.65
N PRO B 310 -5.82 8.07 -25.99
CA PRO B 310 -4.90 9.22 -26.14
C PRO B 310 -4.07 9.52 -24.89
N PHE B 311 -4.63 9.24 -23.70
CA PHE B 311 -3.86 9.44 -22.48
C PHE B 311 -2.75 8.41 -22.34
N LEU B 312 -3.00 7.18 -22.80
CA LEU B 312 -1.95 6.15 -22.83
C LEU B 312 -0.85 6.53 -23.82
N VAL B 313 -1.24 7.06 -24.98
CA VAL B 313 -0.28 7.57 -25.93
C VAL B 313 0.56 8.67 -25.26
N GLY B 314 -0.10 9.53 -24.51
CA GLY B 314 0.57 10.62 -23.79
C GLY B 314 1.62 10.11 -22.82
N VAL B 315 1.22 9.20 -21.94
CA VAL B 315 2.14 8.64 -20.96
C VAL B 315 3.30 7.92 -21.63
N LEU B 316 3.02 7.19 -22.71
CA LEU B 316 4.08 6.51 -23.45
C LEU B 316 5.05 7.52 -24.04
N SER B 317 4.53 8.65 -24.50
CA SER B 317 5.34 9.69 -25.15
C SER B 317 6.26 10.39 -24.16
N LYS B 318 5.72 10.77 -23.00
CA LYS B 318 6.52 11.46 -21.99
C LYS B 318 6.02 11.20 -20.58
N ALA B 319 6.91 10.63 -19.77
CA ALA B 319 6.64 10.35 -18.37
C ALA B 319 7.92 9.85 -17.74
N ASP B 320 7.91 9.69 -16.42
CA ASP B 320 8.98 8.95 -15.77
C ASP B 320 9.10 7.57 -16.41
N PHE B 321 10.32 7.09 -16.59
CA PHE B 321 10.54 5.84 -17.31
C PHE B 321 9.74 4.65 -16.79
N LYS B 322 9.64 4.50 -15.47
CA LYS B 322 8.87 3.37 -14.91
C LYS B 322 7.40 3.45 -15.33
N THR B 323 6.85 4.66 -15.35
CA THR B 323 5.49 4.88 -15.82
C THR B 323 5.40 4.50 -17.30
N GLN B 324 6.39 4.91 -18.09
CA GLN B 324 6.46 4.59 -19.50
C GLN B 324 6.45 3.08 -19.72
N LYS B 325 7.14 2.36 -18.84
CA LYS B 325 7.21 0.91 -18.90
C LYS B 325 5.84 0.30 -18.62
N GLU B 326 5.16 0.85 -17.61
CA GLU B 326 3.77 0.44 -17.36
C GLU B 326 2.89 0.69 -18.58
N ALA B 327 3.16 1.78 -19.29
CA ALA B 327 2.36 2.12 -20.47
C ALA B 327 2.61 1.12 -21.60
N ALA B 328 3.89 0.77 -21.79
CA ALA B 328 4.25 -0.26 -22.74
C ALA B 328 3.49 -1.55 -22.43
N TRP B 329 3.46 -1.94 -21.16
CA TRP B 329 2.66 -3.10 -20.75
C TRP B 329 1.18 -2.95 -21.13
N ALA B 330 0.61 -1.78 -20.82
CA ALA B 330 -0.78 -1.51 -21.14
C ALA B 330 -1.06 -1.70 -22.63
N ILE B 331 -0.11 -1.29 -23.46
CA ILE B 331 -0.25 -1.38 -24.90
C ILE B 331 -0.11 -2.83 -25.38
N THR B 332 0.85 -3.56 -24.84
CA THR B 332 1.03 -4.95 -25.24
C THR B 332 -0.20 -5.79 -24.85
N ASN B 333 -0.76 -5.51 -23.68
CA ASN B 333 -1.99 -6.18 -23.25
C ASN B 333 -3.17 -5.81 -24.15
N TYR B 334 -3.29 -4.52 -24.43
CA TYR B 334 -4.33 -4.02 -25.32
C TYR B 334 -4.28 -4.71 -26.68
N THR B 335 -3.09 -4.81 -27.25
CA THR B 335 -2.95 -5.36 -28.60
C THR B 335 -3.06 -6.88 -28.60
N SER B 336 -2.68 -7.50 -27.49
CA SER B 336 -2.81 -8.94 -27.35
C SER B 336 -4.28 -9.35 -27.29
N GLY B 337 -5.06 -8.63 -26.50
CA GLY B 337 -6.45 -9.02 -26.28
C GLY B 337 -7.48 -8.30 -27.14
N GLY B 338 -7.06 -7.29 -27.89
CA GLY B 338 -8.01 -6.44 -28.59
C GLY B 338 -8.49 -6.94 -29.95
N THR B 339 -9.65 -6.45 -30.39
CA THR B 339 -10.12 -6.70 -31.75
C THR B 339 -9.24 -5.96 -32.76
N VAL B 340 -9.35 -6.34 -34.02
CA VAL B 340 -8.66 -5.64 -35.10
C VAL B 340 -9.04 -4.16 -35.14
N GLU B 341 -10.34 -3.88 -34.99
CA GLU B 341 -10.81 -2.50 -35.01
C GLU B 341 -10.21 -1.67 -33.86
N GLN B 342 -10.10 -2.27 -32.68
CA GLN B 342 -9.54 -1.58 -31.52
C GLN B 342 -8.05 -1.29 -31.74
N ILE B 343 -7.34 -2.23 -32.36
CA ILE B 343 -5.92 -2.03 -32.68
C ILE B 343 -5.72 -0.94 -33.74
N VAL B 344 -6.59 -0.94 -34.74
CA VAL B 344 -6.60 0.13 -35.75
C VAL B 344 -6.77 1.48 -35.07
N TYR B 345 -7.76 1.57 -34.19
CA TYR B 345 -8.01 2.79 -33.43
C TYR B 345 -6.77 3.21 -32.66
N LEU B 346 -6.12 2.23 -32.03
CA LEU B 346 -4.91 2.48 -31.27
C LEU B 346 -3.84 3.14 -32.15
N VAL B 347 -3.64 2.59 -33.34
CA VAL B 347 -2.64 3.14 -34.26
C VAL B 347 -3.03 4.56 -34.72
N HIS B 348 -4.32 4.76 -34.96
CA HIS B 348 -4.81 6.07 -35.37
C HIS B 348 -4.61 7.13 -34.28
N CYS B 349 -4.56 6.72 -33.02
CA CYS B 349 -4.30 7.66 -31.94
C CYS B 349 -2.83 8.04 -31.83
N GLY B 350 -1.98 7.34 -32.59
CA GLY B 350 -0.58 7.72 -32.70
C GLY B 350 0.39 6.92 -31.85
N ILE B 351 0.06 5.67 -31.55
CA ILE B 351 0.87 4.86 -30.64
C ILE B 351 2.27 4.50 -31.19
N ILE B 352 2.37 4.45 -32.52
CA ILE B 352 3.56 3.87 -33.16
C ILE B 352 4.83 4.63 -32.84
N GLU B 353 4.86 5.94 -33.08
CA GLU B 353 6.09 6.70 -32.85
C GLU B 353 6.62 6.65 -31.42
N PRO B 354 5.78 6.87 -30.40
CA PRO B 354 6.36 6.78 -29.05
C PRO B 354 6.79 5.34 -28.71
N LEU B 355 6.01 4.37 -29.19
CA LEU B 355 6.40 2.97 -29.04
C LEU B 355 7.81 2.73 -29.60
N MET B 356 8.05 3.21 -30.81
CA MET B 356 9.35 3.09 -31.45
C MET B 356 10.44 3.83 -30.68
N ASN B 357 10.12 5.04 -30.22
CA ASN B 357 11.10 5.85 -29.51
C ASN B 357 11.60 5.16 -28.25
N LEU B 358 10.72 4.39 -27.60
CA LEU B 358 11.15 3.68 -26.40
C LEU B 358 12.04 2.46 -26.68
N LEU B 359 12.25 2.14 -27.95
CA LEU B 359 13.11 1.03 -28.31
C LEU B 359 14.60 1.37 -28.13
N SER B 360 14.88 2.63 -27.81
CA SER B 360 16.26 3.05 -27.57
C SER B 360 16.59 3.03 -26.08
N ALA B 361 15.67 2.49 -25.28
CA ALA B 361 15.85 2.43 -23.83
C ALA B 361 16.80 1.31 -23.44
N LYS B 362 17.52 1.50 -22.33
CA LYS B 362 18.50 0.53 -21.86
C LYS B 362 17.87 -0.50 -20.93
N ASP B 363 16.63 -0.89 -21.23
CA ASP B 363 15.90 -1.84 -20.40
C ASP B 363 15.43 -2.98 -21.28
N THR B 364 15.94 -4.18 -21.02
CA THR B 364 15.65 -5.33 -21.86
C THR B 364 14.17 -5.70 -21.84
N LYS B 365 13.58 -5.66 -20.65
CA LYS B 365 12.20 -6.06 -20.47
C LYS B 365 11.24 -5.21 -21.30
N ILE B 366 11.42 -3.89 -21.27
CA ILE B 366 10.53 -3.01 -22.02
C ILE B 366 10.74 -3.20 -23.52
N ILE B 367 11.98 -3.55 -23.92
CA ILE B 367 12.25 -3.84 -25.32
C ILE B 367 11.44 -5.04 -25.75
N GLN B 368 11.47 -6.10 -24.93
CA GLN B 368 10.69 -7.30 -25.21
C GLN B 368 9.20 -6.99 -25.32
N VAL B 369 8.68 -6.27 -24.32
CA VAL B 369 7.27 -5.91 -24.28
C VAL B 369 6.85 -5.15 -25.54
N ILE B 370 7.67 -4.18 -25.93
CA ILE B 370 7.36 -3.34 -27.10
C ILE B 370 7.40 -4.15 -28.38
N LEU B 371 8.43 -4.99 -28.53
CA LEU B 371 8.53 -5.87 -29.71
C LEU B 371 7.30 -6.77 -29.80
N ASP B 372 6.87 -7.30 -28.66
CA ASP B 372 5.62 -8.07 -28.61
C ASP B 372 4.44 -7.26 -29.13
N ALA B 373 4.31 -6.02 -28.65
CA ALA B 373 3.23 -5.14 -29.09
C ALA B 373 3.26 -4.95 -30.62
N ILE B 374 4.43 -4.62 -31.15
CA ILE B 374 4.62 -4.45 -32.59
C ILE B 374 4.21 -5.71 -33.34
N SER B 375 4.56 -6.87 -32.80
CA SER B 375 4.15 -8.13 -33.41
C SER B 375 2.64 -8.23 -33.48
N ASN B 376 1.96 -7.98 -32.36
CA ASN B 376 0.50 -8.02 -32.33
C ASN B 376 -0.15 -7.08 -33.36
N ILE B 377 0.38 -5.85 -33.43
CA ILE B 377 -0.14 -4.85 -34.36
C ILE B 377 0.08 -5.30 -35.80
N PHE B 378 1.24 -5.89 -36.08
CA PHE B 378 1.49 -6.45 -37.40
C PHE B 378 0.51 -7.57 -37.72
N GLN B 379 0.16 -8.37 -36.71
CA GLN B 379 -0.83 -9.43 -36.92
C GLN B 379 -2.18 -8.84 -37.33
N ALA B 380 -2.58 -7.76 -36.66
CA ALA B 380 -3.79 -7.05 -37.08
C ALA B 380 -3.67 -6.56 -38.53
N ALA B 381 -2.50 -6.00 -38.86
CA ALA B 381 -2.24 -5.49 -40.21
C ALA B 381 -2.35 -6.59 -41.27
N GLU B 382 -1.80 -7.77 -40.97
CA GLU B 382 -1.92 -8.94 -41.86
C GLU B 382 -3.39 -9.26 -42.05
N LYS B 383 -4.12 -9.30 -40.94
CA LYS B 383 -5.55 -9.55 -40.98
C LYS B 383 -6.27 -8.51 -41.85
N LEU B 384 -5.65 -7.35 -42.05
CA LEU B 384 -6.24 -6.32 -42.92
C LEU B 384 -5.52 -6.18 -44.27
N GLY B 385 -4.40 -6.87 -44.44
CA GLY B 385 -3.60 -6.71 -45.63
C GLY B 385 -2.96 -5.34 -45.73
N GLU B 386 -2.62 -4.77 -44.58
CA GLU B 386 -2.06 -3.43 -44.52
C GLU B 386 -0.67 -3.40 -43.90
N THR B 387 0.01 -4.54 -43.93
CA THR B 387 1.34 -4.66 -43.33
C THR B 387 2.35 -3.70 -43.93
N GLU B 388 2.20 -3.42 -45.22
CA GLU B 388 3.12 -2.52 -45.89
C GLU B 388 2.96 -1.10 -45.36
N LYS B 389 1.71 -0.67 -45.21
CA LYS B 389 1.41 0.65 -44.67
C LYS B 389 2.00 0.83 -43.26
N LEU B 390 1.92 -0.21 -42.46
CA LEU B 390 2.48 -0.19 -41.11
C LEU B 390 4.00 -0.18 -41.15
N SER B 391 4.57 -0.93 -42.10
CA SER B 391 6.02 -0.97 -42.26
C SER B 391 6.55 0.41 -42.60
N ILE B 392 5.88 1.07 -43.54
CA ILE B 392 6.22 2.43 -43.94
C ILE B 392 6.08 3.36 -42.74
N MET B 393 5.00 3.19 -41.99
CA MET B 393 4.74 4.01 -40.82
C MET B 393 5.89 3.92 -39.81
N ILE B 394 6.31 2.69 -39.53
CA ILE B 394 7.39 2.43 -38.59
C ILE B 394 8.72 2.97 -39.12
N GLU B 395 8.92 2.84 -40.43
CA GLU B 395 10.16 3.31 -41.05
C GLU B 395 10.28 4.83 -40.99
N GLU B 396 9.17 5.53 -41.25
CA GLU B 396 9.18 6.98 -41.34
C GLU B 396 9.51 7.69 -40.02
N CYS B 397 9.17 7.06 -38.90
CA CYS B 397 9.46 7.67 -37.60
C CYS B 397 10.76 7.11 -37.01
N GLY B 398 11.52 6.41 -37.85
CA GLY B 398 12.83 5.90 -37.46
C GLY B 398 12.79 4.63 -36.63
N GLY B 399 11.66 3.93 -36.67
CA GLY B 399 11.52 2.70 -35.90
C GLY B 399 12.34 1.58 -36.51
N LEU B 400 12.40 1.55 -37.84
CA LEU B 400 13.10 0.50 -38.56
C LEU B 400 14.58 0.47 -38.18
N ASP B 401 15.19 1.63 -38.04
CA ASP B 401 16.60 1.71 -37.64
C ASP B 401 16.82 1.05 -36.29
N LYS B 402 15.93 1.35 -35.33
CA LYS B 402 16.04 0.80 -34.00
C LYS B 402 15.84 -0.71 -33.99
N ILE B 403 14.83 -1.19 -34.72
CA ILE B 403 14.59 -2.63 -34.80
C ILE B 403 15.76 -3.36 -35.46
N GLU B 404 16.31 -2.76 -36.50
CA GLU B 404 17.48 -3.29 -37.20
C GLU B 404 18.65 -3.38 -36.24
N ALA B 405 18.78 -2.37 -35.37
CA ALA B 405 19.86 -2.32 -34.40
C ALA B 405 19.64 -3.34 -33.28
N LEU B 406 18.39 -3.68 -33.00
CA LEU B 406 18.09 -4.65 -31.95
C LEU B 406 18.52 -6.06 -32.35
N GLN B 407 18.82 -6.26 -33.62
CA GLN B 407 19.32 -7.55 -34.11
C GLN B 407 20.65 -7.91 -33.45
N ARG B 408 21.42 -6.88 -33.10
CA ARG B 408 22.75 -7.07 -32.54
C ARG B 408 22.71 -7.04 -31.01
N HIS B 409 21.50 -6.93 -30.46
CA HIS B 409 21.32 -6.91 -29.01
C HIS B 409 21.68 -8.27 -28.41
N GLU B 410 22.22 -8.25 -27.20
CA GLU B 410 22.78 -9.45 -26.59
C GLU B 410 21.71 -10.46 -26.15
N ASN B 411 20.58 -9.97 -25.66
CA ASN B 411 19.51 -10.84 -25.20
C ASN B 411 18.91 -11.66 -26.35
N GLU B 412 18.69 -12.95 -26.11
CA GLU B 412 18.27 -13.87 -27.16
C GLU B 412 16.91 -13.55 -27.76
N SER B 413 15.89 -13.49 -26.91
CA SER B 413 14.52 -13.25 -27.36
C SER B 413 14.39 -11.92 -28.10
N VAL B 414 15.25 -10.97 -27.75
CA VAL B 414 15.25 -9.66 -28.38
C VAL B 414 15.69 -9.73 -29.84
N TYR B 415 16.89 -10.26 -30.09
CA TYR B 415 17.38 -10.31 -31.47
C TYR B 415 16.60 -11.33 -32.29
N LYS B 416 16.01 -12.31 -31.60
CA LYS B 416 15.16 -13.29 -32.29
C LYS B 416 13.88 -12.63 -32.79
N ALA B 417 13.20 -11.91 -31.89
CA ALA B 417 11.97 -11.21 -32.24
C ALA B 417 12.21 -10.14 -33.29
N SER B 418 13.28 -9.37 -33.12
CA SER B 418 13.59 -8.29 -34.04
C SER B 418 14.00 -8.81 -35.42
N LEU B 419 14.81 -9.86 -35.44
CA LEU B 419 15.18 -10.49 -36.71
C LEU B 419 13.93 -11.02 -37.40
N ASN B 420 13.02 -11.62 -36.63
CA ASN B 420 11.77 -12.09 -37.21
C ASN B 420 11.00 -10.94 -37.86
N LEU B 421 10.84 -9.85 -37.12
CA LEU B 421 10.12 -8.68 -37.63
C LEU B 421 10.75 -8.14 -38.92
N ILE B 422 12.07 -8.01 -38.92
CA ILE B 422 12.80 -7.54 -40.10
C ILE B 422 12.60 -8.46 -41.30
N GLU B 423 12.79 -9.76 -41.06
CA GLU B 423 12.72 -10.76 -42.11
C GLU B 423 11.31 -10.96 -42.63
N LYS B 424 10.32 -10.53 -41.85
CA LYS B 424 8.93 -10.82 -42.18
C LYS B 424 8.21 -9.60 -42.78
N TYR B 425 8.63 -8.39 -42.40
CA TYR B 425 7.89 -7.19 -42.80
C TYR B 425 8.76 -6.09 -43.40
N PHE B 426 10.07 -6.22 -43.29
CA PHE B 426 10.97 -5.17 -43.77
C PHE B 426 12.06 -5.70 -44.71
N SER B 427 11.64 -6.32 -45.81
CA SER B 427 12.58 -6.86 -46.79
C SER B 427 12.41 -6.20 -48.15
#